data_1TVD
#
_entry.id   1TVD
#
_cell.length_a   69.940
_cell.length_b   49.080
_cell.length_c   61.670
_cell.angle_alpha   90.00
_cell.angle_beta   90.00
_cell.angle_gamma   90.00
#
_symmetry.space_group_name_H-M   'P 21 21 21'
#
loop_
_entity.id
_entity.type
_entity.pdbx_description
1 polymer 'T CELL RECEPTOR'
2 water water
#
_entity_poly.entity_id   1
_entity_poly.type   'polypeptide(L)'
_entity_poly.pdbx_seq_one_letter_code
;DKVTQSSPDQTVASGSEVVLLCTYDTVYSNPDLFWYRIRPDYSFQFVFYGDDSRSEGADFTQGRFSVKHILTQKAFHLVI
SPVRTEDSATYYCAFTLPPPTDKLIFGKGTRVTVEP
;
_entity_poly.pdbx_strand_id   A,B
#
# COMPACT_ATOMS: atom_id res chain seq x y z
N ASP A 1 2.94 14.63 -10.04
CA ASP A 1 3.33 13.19 -9.99
C ASP A 1 2.07 12.36 -9.83
N LYS A 2 1.86 11.43 -10.75
CA LYS A 2 0.67 10.60 -10.73
C LYS A 2 0.97 9.23 -11.34
N VAL A 3 0.14 8.27 -10.96
CA VAL A 3 0.24 6.90 -11.46
C VAL A 3 -1.12 6.63 -12.10
N THR A 4 -1.10 6.20 -13.35
CA THR A 4 -2.33 5.90 -14.06
C THR A 4 -2.44 4.43 -14.35
N GLN A 5 -3.57 3.84 -13.92
CA GLN A 5 -3.84 2.42 -14.14
C GLN A 5 -5.02 2.34 -15.12
N SER A 6 -4.70 2.01 -16.38
CA SER A 6 -5.67 1.96 -17.47
C SER A 6 -6.46 0.71 -17.77
N SER A 7 -6.08 -0.42 -17.18
CA SER A 7 -6.83 -1.65 -17.43
C SER A 7 -8.15 -1.59 -16.71
N PRO A 8 -9.19 -2.21 -17.28
CA PRO A 8 -10.49 -2.18 -16.61
C PRO A 8 -10.50 -3.22 -15.49
N ASP A 9 -11.37 -3.03 -14.50
CA ASP A 9 -11.49 -4.01 -13.43
C ASP A 9 -12.08 -5.18 -14.16
N GLN A 10 -11.66 -6.39 -13.82
CA GLN A 10 -12.15 -7.54 -14.56
C GLN A 10 -12.20 -8.85 -13.80
N THR A 11 -13.10 -9.72 -14.25
CA THR A 11 -13.26 -11.06 -13.69
C THR A 11 -12.87 -11.94 -14.85
N VAL A 12 -11.99 -12.89 -14.61
CA VAL A 12 -11.51 -13.74 -15.68
C VAL A 12 -11.39 -15.20 -15.20
N ALA A 13 -11.33 -16.12 -16.16
CA ALA A 13 -11.24 -17.53 -15.84
C ALA A 13 -9.82 -17.97 -15.52
N SER A 14 -9.69 -18.91 -14.60
CA SER A 14 -8.39 -19.45 -14.22
C SER A 14 -7.74 -19.97 -15.51
N GLY A 15 -6.44 -19.73 -15.66
CA GLY A 15 -5.76 -20.17 -16.87
C GLY A 15 -5.60 -19.10 -17.93
N SER A 16 -6.30 -17.98 -17.77
CA SER A 16 -6.24 -16.89 -18.74
C SER A 16 -4.97 -16.04 -18.54
N GLU A 17 -4.75 -15.13 -19.47
CA GLU A 17 -3.62 -14.20 -19.43
C GLU A 17 -4.21 -12.83 -19.11
N VAL A 18 -3.62 -12.15 -18.13
CA VAL A 18 -4.10 -10.84 -17.75
C VAL A 18 -2.97 -9.82 -17.84
N VAL A 19 -3.29 -8.64 -18.35
CA VAL A 19 -2.33 -7.55 -18.47
C VAL A 19 -2.79 -6.37 -17.62
N LEU A 20 -1.96 -5.96 -16.67
CA LEU A 20 -2.26 -4.83 -15.80
C LEU A 20 -1.41 -3.66 -16.27
N LEU A 21 -2.06 -2.61 -16.75
CA LEU A 21 -1.36 -1.44 -17.24
C LEU A 21 -1.06 -0.40 -16.16
N CYS A 22 0.09 0.23 -16.28
CA CYS A 22 0.52 1.27 -15.35
C CYS A 22 1.48 2.23 -16.04
N THR A 23 1.19 3.52 -15.93
CA THR A 23 2.04 4.53 -16.50
C THR A 23 2.29 5.51 -15.36
N TYR A 24 3.52 5.97 -15.21
CA TYR A 24 3.84 6.90 -14.15
C TYR A 24 4.21 8.24 -14.71
N ASP A 25 3.80 9.27 -13.99
CA ASP A 25 4.04 10.65 -14.38
C ASP A 25 4.85 11.32 -13.29
N THR A 26 6.16 11.40 -13.52
CA THR A 26 7.07 12.02 -12.57
C THR A 26 8.27 12.58 -13.33
N VAL A 27 8.96 13.53 -12.73
CA VAL A 27 10.13 14.14 -13.37
C VAL A 27 11.41 13.62 -12.74
N TYR A 28 11.26 12.85 -11.67
CA TYR A 28 12.41 12.30 -10.96
C TYR A 28 13.14 11.22 -11.75
N SER A 29 14.46 11.29 -11.69
CA SER A 29 15.33 10.35 -12.38
C SER A 29 15.29 8.96 -11.76
N ASN A 30 15.12 7.96 -12.61
CA ASN A 30 15.12 6.56 -12.21
C ASN A 30 14.39 6.22 -10.90
N PRO A 31 13.07 6.42 -10.86
CA PRO A 31 12.32 6.11 -9.64
C PRO A 31 12.11 4.61 -9.44
N ASP A 32 11.96 4.20 -8.18
CA ASP A 32 11.72 2.80 -7.90
C ASP A 32 10.23 2.60 -8.18
N LEU A 33 9.89 1.53 -8.89
CA LEU A 33 8.51 1.22 -9.27
C LEU A 33 8.10 -0.08 -8.60
N PHE A 34 6.79 -0.20 -8.29
CA PHE A 34 6.27 -1.39 -7.62
C PHE A 34 4.87 -1.79 -8.04
N TRP A 35 4.57 -3.05 -7.82
CA TRP A 35 3.26 -3.63 -8.04
C TRP A 35 2.96 -4.36 -6.74
N TYR A 36 1.85 -4.01 -6.12
CA TYR A 36 1.42 -4.64 -4.87
C TYR A 36 0.00 -5.13 -5.11
N ARG A 37 -0.45 -6.10 -4.32
CA ARG A 37 -1.81 -6.58 -4.45
C ARG A 37 -2.39 -6.88 -3.08
N ILE A 38 -3.67 -6.51 -2.91
CA ILE A 38 -4.35 -6.72 -1.63
C ILE A 38 -5.46 -7.76 -1.76
N ARG A 39 -5.45 -8.74 -0.87
CA ARG A 39 -6.46 -9.80 -0.85
C ARG A 39 -7.61 -9.37 0.07
N PRO A 40 -8.77 -10.04 -0.04
CA PRO A 40 -9.96 -9.73 0.76
C PRO A 40 -9.77 -9.64 2.28
N ASP A 41 -8.81 -10.38 2.82
CA ASP A 41 -8.57 -10.34 4.25
C ASP A 41 -7.74 -9.13 4.72
N TYR A 42 -7.51 -8.19 3.81
CA TYR A 42 -6.75 -6.96 4.08
C TYR A 42 -5.23 -7.14 3.96
N SER A 43 -4.77 -8.33 3.61
CA SER A 43 -3.34 -8.57 3.49
C SER A 43 -2.78 -8.08 2.16
N PHE A 44 -1.72 -7.30 2.23
CA PHE A 44 -1.07 -6.78 1.05
C PHE A 44 0.13 -7.67 0.75
N GLN A 45 0.45 -7.82 -0.53
CA GLN A 45 1.59 -8.64 -0.92
C GLN A 45 2.44 -7.90 -1.92
N PHE A 46 3.74 -7.86 -1.67
CA PHE A 46 4.68 -7.24 -2.60
C PHE A 46 4.67 -8.19 -3.82
N VAL A 47 4.52 -7.63 -5.02
CA VAL A 47 4.47 -8.44 -6.23
C VAL A 47 5.69 -8.31 -7.12
N PHE A 48 6.03 -7.09 -7.51
CA PHE A 48 7.18 -6.85 -8.38
C PHE A 48 7.79 -5.49 -8.12
N TYR A 49 9.09 -5.40 -8.38
CA TYR A 49 9.87 -4.18 -8.20
C TYR A 49 10.69 -3.95 -9.46
N GLY A 50 11.03 -2.70 -9.71
CA GLY A 50 11.85 -2.42 -10.87
C GLY A 50 12.27 -0.98 -10.95
N ASP A 51 13.45 -0.76 -11.54
CA ASP A 51 13.95 0.58 -11.76
C ASP A 51 14.19 0.65 -13.28
N ASP A 52 14.98 1.60 -13.76
CA ASP A 52 15.19 1.70 -15.20
C ASP A 52 16.02 0.62 -15.89
N SER A 53 16.67 -0.25 -15.13
CA SER A 53 17.51 -1.29 -15.73
C SER A 53 17.23 -2.70 -15.26
N ARG A 54 16.49 -2.85 -14.17
CA ARG A 54 16.20 -4.18 -13.66
C ARG A 54 14.82 -4.28 -13.04
N SER A 55 14.41 -5.50 -12.76
CA SER A 55 13.14 -5.78 -12.15
C SER A 55 13.29 -7.08 -11.38
N GLU A 56 12.62 -7.18 -10.24
CA GLU A 56 12.68 -8.38 -9.42
C GLU A 56 11.31 -8.61 -8.85
N GLY A 57 10.79 -9.81 -9.02
CA GLY A 57 9.49 -10.15 -8.52
C GLY A 57 9.53 -10.89 -7.21
N ALA A 58 8.37 -11.02 -6.56
CA ALA A 58 8.30 -11.74 -5.31
C ALA A 58 8.66 -13.18 -5.61
N ASP A 59 8.90 -13.98 -4.58
CA ASP A 59 9.29 -15.37 -4.78
C ASP A 59 8.26 -16.21 -5.52
N PHE A 60 6.99 -15.91 -5.31
CA PHE A 60 5.92 -16.66 -5.95
C PHE A 60 5.70 -16.30 -7.42
N THR A 61 6.33 -15.23 -7.87
CA THR A 61 6.14 -14.77 -9.25
C THR A 61 6.99 -15.46 -10.33
N GLN A 62 8.02 -16.18 -9.91
CA GLN A 62 8.91 -16.84 -10.86
C GLN A 62 8.22 -17.88 -11.71
N GLY A 63 8.10 -17.59 -13.01
CA GLY A 63 7.47 -18.51 -13.92
C GLY A 63 6.14 -18.08 -14.53
N ARG A 64 5.37 -17.22 -13.85
CA ARG A 64 4.05 -16.79 -14.34
C ARG A 64 3.85 -15.28 -14.51
N PHE A 65 4.65 -14.47 -13.82
CA PHE A 65 4.52 -13.01 -13.89
C PHE A 65 5.73 -12.41 -14.60
N SER A 66 5.54 -11.22 -15.15
CA SER A 66 6.61 -10.47 -15.80
C SER A 66 6.16 -9.01 -15.95
N VAL A 67 7.12 -8.10 -16.00
CA VAL A 67 6.79 -6.70 -16.16
C VAL A 67 7.39 -6.17 -17.45
N LYS A 68 6.68 -5.25 -18.10
CA LYS A 68 7.14 -4.62 -19.32
C LYS A 68 7.40 -3.17 -18.99
N HIS A 69 8.66 -2.84 -18.72
CA HIS A 69 9.04 -1.50 -18.38
C HIS A 69 9.53 -0.79 -19.62
N ILE A 70 8.70 0.13 -20.12
CA ILE A 70 9.02 0.91 -21.32
C ILE A 70 9.37 2.34 -20.87
N LEU A 71 10.67 2.62 -20.78
CA LEU A 71 11.15 3.92 -20.35
C LEU A 71 10.61 5.08 -21.17
N THR A 72 10.58 4.90 -22.49
CA THR A 72 10.09 5.95 -23.38
C THR A 72 8.64 6.34 -23.11
N GLN A 73 7.85 5.38 -22.64
CA GLN A 73 6.45 5.64 -22.37
C GLN A 73 6.15 5.72 -20.86
N LYS A 74 7.17 5.62 -20.01
CA LYS A 74 6.96 5.63 -18.56
C LYS A 74 5.87 4.59 -18.25
N ALA A 75 6.08 3.38 -18.79
CA ALA A 75 5.15 2.28 -18.60
C ALA A 75 5.78 1.18 -17.77
N PHE A 76 4.98 0.59 -16.88
CA PHE A 76 5.44 -0.51 -16.02
C PHE A 76 4.28 -1.52 -15.95
N HIS A 77 4.05 -2.21 -17.06
CA HIS A 77 2.95 -3.19 -17.16
C HIS A 77 3.24 -4.55 -16.56
N LEU A 78 2.27 -5.10 -15.84
CA LEU A 78 2.37 -6.40 -15.20
C LEU A 78 1.60 -7.41 -16.06
N VAL A 79 2.23 -8.56 -16.35
CA VAL A 79 1.58 -9.59 -17.14
C VAL A 79 1.55 -10.87 -16.32
N ILE A 80 0.36 -11.43 -16.12
CA ILE A 80 0.19 -12.67 -15.38
C ILE A 80 -0.31 -13.71 -16.38
N SER A 81 0.48 -14.76 -16.59
CA SER A 81 0.12 -15.80 -17.54
C SER A 81 0.76 -17.14 -17.19
N PRO A 82 -0.05 -18.13 -16.77
CA PRO A 82 -1.50 -18.00 -16.61
C PRO A 82 -1.89 -17.59 -15.20
N VAL A 83 -3.09 -17.04 -15.06
CA VAL A 83 -3.60 -16.63 -13.75
C VAL A 83 -4.26 -17.81 -13.05
N ARG A 84 -4.28 -17.77 -11.72
CA ARG A 84 -4.88 -18.83 -10.90
C ARG A 84 -5.83 -18.14 -9.92
N THR A 85 -6.69 -18.90 -9.25
CA THR A 85 -7.63 -18.28 -8.30
C THR A 85 -6.92 -17.53 -7.18
N GLU A 86 -5.73 -17.98 -6.82
CA GLU A 86 -4.96 -17.33 -5.75
C GLU A 86 -4.56 -15.91 -6.12
N ASP A 87 -4.61 -15.59 -7.40
CA ASP A 87 -4.23 -14.27 -7.88
C ASP A 87 -5.32 -13.22 -7.75
N SER A 88 -6.53 -13.64 -7.38
CA SER A 88 -7.65 -12.70 -7.21
C SER A 88 -7.29 -11.66 -6.17
N ALA A 89 -7.28 -10.40 -6.57
CA ALA A 89 -6.93 -9.31 -5.68
C ALA A 89 -7.02 -8.02 -6.45
N THR A 90 -6.77 -6.92 -5.77
CA THR A 90 -6.77 -5.62 -6.44
C THR A 90 -5.31 -5.22 -6.48
N TYR A 91 -4.84 -4.94 -7.68
CA TYR A 91 -3.44 -4.59 -7.90
C TYR A 91 -3.19 -3.12 -7.93
N TYR A 92 -2.14 -2.71 -7.21
CA TYR A 92 -1.75 -1.30 -7.14
C TYR A 92 -0.33 -1.07 -7.65
N CYS A 93 -0.19 -0.06 -8.49
CA CYS A 93 1.09 0.32 -9.04
C CYS A 93 1.48 1.60 -8.29
N ALA A 94 2.78 1.77 -8.06
CA ALA A 94 3.28 2.94 -7.32
C ALA A 94 4.76 3.15 -7.61
N PHE A 95 5.19 4.40 -7.44
CA PHE A 95 6.61 4.73 -7.63
C PHE A 95 7.07 5.47 -6.37
N THR A 96 8.37 5.42 -6.13
CA THR A 96 8.99 6.05 -4.98
C THR A 96 9.53 7.45 -5.22
N LEU A 97 9.31 8.34 -4.26
CA LEU A 97 9.84 9.68 -4.35
C LEU A 97 11.27 9.48 -3.85
N PRO A 98 12.25 10.14 -4.47
CA PRO A 98 13.65 10.00 -4.06
C PRO A 98 13.96 10.47 -2.62
N PRO A 99 15.15 10.11 -2.10
CA PRO A 99 15.55 10.51 -0.75
C PRO A 99 15.59 12.04 -0.68
N PRO A 100 15.41 12.62 0.51
CA PRO A 100 15.16 11.98 1.80
C PRO A 100 13.70 11.56 2.03
N THR A 101 12.83 11.88 1.07
CA THR A 101 11.42 11.54 1.21
C THR A 101 11.16 10.01 1.26
N ASP A 102 11.55 9.30 0.19
CA ASP A 102 11.37 7.85 0.13
C ASP A 102 9.96 7.36 0.50
N LYS A 103 8.95 7.96 -0.13
CA LYS A 103 7.57 7.58 0.10
C LYS A 103 6.92 7.28 -1.24
N LEU A 104 5.87 6.45 -1.19
CA LEU A 104 5.15 6.00 -2.39
C LEU A 104 3.96 6.82 -2.80
N ILE A 105 3.73 6.84 -4.11
CA ILE A 105 2.58 7.51 -4.71
C ILE A 105 1.86 6.34 -5.37
N PHE A 106 0.60 6.12 -5.02
CA PHE A 106 -0.15 4.99 -5.57
C PHE A 106 -1.13 5.26 -6.70
N GLY A 107 -1.35 4.24 -7.52
CA GLY A 107 -2.33 4.32 -8.58
C GLY A 107 -3.67 4.02 -7.89
N LYS A 108 -4.77 4.12 -8.64
CA LYS A 108 -6.10 3.89 -8.08
C LYS A 108 -6.45 2.44 -7.73
N GLY A 109 -5.75 1.50 -8.36
CA GLY A 109 -6.00 0.08 -8.12
C GLY A 109 -6.83 -0.56 -9.22
N THR A 110 -6.51 -1.81 -9.57
CA THR A 110 -7.23 -2.53 -10.61
C THR A 110 -7.63 -3.91 -10.07
N ARG A 111 -8.93 -4.18 -10.03
CA ARG A 111 -9.40 -5.44 -9.53
C ARG A 111 -9.32 -6.52 -10.59
N VAL A 112 -8.80 -7.67 -10.18
CA VAL A 112 -8.69 -8.84 -11.03
C VAL A 112 -9.27 -10.00 -10.20
N THR A 113 -10.46 -10.45 -10.57
CA THR A 113 -11.12 -11.57 -9.88
C THR A 113 -10.97 -12.79 -10.76
N VAL A 114 -10.39 -13.85 -10.23
CA VAL A 114 -10.20 -15.05 -11.02
C VAL A 114 -11.13 -16.15 -10.55
N GLU A 115 -11.98 -16.62 -11.46
CA GLU A 115 -12.94 -17.67 -11.15
C GLU A 115 -12.44 -19.04 -11.62
N PRO A 116 -12.63 -20.09 -10.79
CA PRO A 116 -12.19 -21.43 -11.17
C PRO A 116 -13.12 -22.06 -12.20
N ASP B 1 -11.80 13.19 -1.60
CA ASP B 1 -11.44 12.11 -0.65
C ASP B 1 -9.93 12.05 -0.49
N LYS B 2 -9.44 12.37 0.70
CA LYS B 2 -8.01 12.33 0.94
C LYS B 2 -7.65 12.14 2.39
N VAL B 3 -6.43 11.66 2.62
CA VAL B 3 -5.93 11.39 3.95
C VAL B 3 -4.78 12.34 4.27
N THR B 4 -4.76 12.87 5.49
CA THR B 4 -3.67 13.78 5.90
C THR B 4 -2.86 13.15 7.04
N GLN B 5 -1.54 13.09 6.86
CA GLN B 5 -0.65 12.54 7.90
C GLN B 5 0.30 13.66 8.24
N SER B 6 -0.05 14.41 9.30
CA SER B 6 0.71 15.56 9.73
C SER B 6 1.96 15.34 10.57
N SER B 7 2.28 14.09 10.87
CA SER B 7 3.47 13.81 11.68
C SER B 7 4.75 13.90 10.87
N PRO B 8 5.78 14.59 11.41
CA PRO B 8 7.02 14.68 10.66
C PRO B 8 7.68 13.31 10.78
N ASP B 9 8.63 12.99 9.91
CA ASP B 9 9.32 11.72 10.00
C ASP B 9 10.11 11.74 11.29
N GLN B 10 10.19 10.60 11.96
CA GLN B 10 10.90 10.56 13.22
C GLN B 10 11.88 9.44 13.40
N THR B 11 12.91 9.74 14.16
CA THR B 11 13.95 8.80 14.47
C THR B 11 13.91 8.75 15.98
N VAL B 12 13.72 7.55 16.52
CA VAL B 12 13.61 7.34 17.94
C VAL B 12 14.40 6.11 18.39
N ALA B 13 14.76 6.08 19.66
CA ALA B 13 15.49 4.96 20.19
C ALA B 13 14.48 3.86 20.48
N SER B 14 14.93 2.61 20.39
CA SER B 14 14.08 1.49 20.68
C SER B 14 13.62 1.69 22.13
N GLY B 15 12.38 1.30 22.41
CA GLY B 15 11.86 1.45 23.75
C GLY B 15 11.05 2.73 23.95
N SER B 16 11.06 3.63 22.97
CA SER B 16 10.32 4.90 23.06
C SER B 16 8.84 4.68 22.77
N GLU B 17 8.07 5.76 22.86
CA GLU B 17 6.66 5.72 22.54
C GLU B 17 6.51 6.71 21.39
N VAL B 18 5.74 6.33 20.36
CA VAL B 18 5.54 7.18 19.20
C VAL B 18 4.05 7.29 18.82
N VAL B 19 3.69 8.45 18.26
CA VAL B 19 2.32 8.70 17.84
C VAL B 19 2.35 9.19 16.39
N LEU B 20 1.63 8.49 15.51
CA LEU B 20 1.53 8.86 14.10
C LEU B 20 0.14 9.46 13.89
N LEU B 21 0.10 10.68 13.40
CA LEU B 21 -1.15 11.39 13.15
C LEU B 21 -1.78 11.10 11.79
N CYS B 22 -3.10 11.05 11.78
CA CYS B 22 -3.85 10.83 10.56
C CYS B 22 -5.25 11.39 10.69
N THR B 23 -5.69 12.06 9.63
CA THR B 23 -7.04 12.63 9.55
C THR B 23 -7.56 12.31 8.14
N TYR B 24 -8.85 11.99 8.06
CA TYR B 24 -9.45 11.65 6.79
C TYR B 24 -10.53 12.64 6.39
N ASP B 25 -10.63 12.88 5.09
CA ASP B 25 -11.62 13.78 4.54
C ASP B 25 -12.26 13.06 3.36
N THR B 26 -13.47 12.55 3.59
CA THR B 26 -14.20 11.83 2.58
C THR B 26 -15.69 12.19 2.65
N VAL B 27 -16.37 12.12 1.49
CA VAL B 27 -17.79 12.45 1.41
C VAL B 27 -18.70 11.32 1.91
N TYR B 28 -18.11 10.15 2.14
CA TYR B 28 -18.88 9.00 2.62
C TYR B 28 -18.75 8.89 4.12
N SER B 29 -19.82 8.48 4.77
CA SER B 29 -19.81 8.35 6.22
C SER B 29 -19.27 6.97 6.63
N ASN B 30 -18.73 6.88 7.84
CA ASN B 30 -18.19 5.64 8.38
C ASN B 30 -17.32 4.83 7.42
N PRO B 31 -16.19 5.42 6.98
CA PRO B 31 -15.32 4.67 6.06
C PRO B 31 -14.46 3.67 6.81
N ASP B 32 -14.10 2.58 6.14
CA ASP B 32 -13.23 1.58 6.74
C ASP B 32 -11.84 2.23 6.72
N LEU B 33 -11.23 2.34 7.89
CA LEU B 33 -9.92 2.95 8.07
C LEU B 33 -8.83 1.92 8.32
N PHE B 34 -7.62 2.20 7.80
CA PHE B 34 -6.50 1.27 7.95
C PHE B 34 -5.16 1.95 8.17
N TRP B 35 -4.23 1.18 8.74
CA TRP B 35 -2.85 1.59 8.95
C TRP B 35 -2.05 0.43 8.41
N TYR B 36 -1.19 0.72 7.44
CA TYR B 36 -0.31 -0.27 6.82
C TYR B 36 1.09 0.30 6.93
N ARG B 37 2.09 -0.56 6.86
CA ARG B 37 3.48 -0.09 6.93
C ARG B 37 4.36 -0.80 5.94
N ILE B 38 5.26 -0.03 5.31
CA ILE B 38 6.20 -0.57 4.36
C ILE B 38 7.51 -0.76 5.09
N ARG B 39 7.95 -2.02 5.17
CA ARG B 39 9.20 -2.40 5.82
C ARG B 39 10.34 -2.26 4.81
N PRO B 40 11.59 -2.12 5.28
CA PRO B 40 12.76 -1.98 4.41
C PRO B 40 12.88 -3.01 3.28
N ASP B 41 12.37 -4.22 3.51
CA ASP B 41 12.43 -5.27 2.49
C ASP B 41 11.24 -5.24 1.50
N TYR B 42 10.49 -4.14 1.52
CA TYR B 42 9.34 -3.95 0.61
C TYR B 42 8.02 -4.59 1.04
N SER B 43 8.03 -5.44 2.06
CA SER B 43 6.79 -6.05 2.52
C SER B 43 5.85 -4.94 2.97
N PHE B 44 4.57 -5.08 2.61
CA PHE B 44 3.54 -4.11 2.97
C PHE B 44 2.68 -4.84 4.01
N GLN B 45 2.82 -4.46 5.27
CA GLN B 45 2.12 -5.09 6.38
C GLN B 45 0.86 -4.42 6.90
N PHE B 46 -0.16 -5.24 7.15
CA PHE B 46 -1.41 -4.75 7.71
C PHE B 46 -1.16 -4.53 9.21
N VAL B 47 -1.54 -3.35 9.71
CA VAL B 47 -1.32 -3.05 11.12
C VAL B 47 -2.61 -2.90 11.92
N PHE B 48 -3.51 -2.04 11.45
CA PHE B 48 -4.76 -1.79 12.17
C PHE B 48 -5.92 -1.43 11.27
N TYR B 49 -7.11 -1.84 11.72
CA TYR B 49 -8.36 -1.57 11.02
C TYR B 49 -9.36 -0.93 11.99
N GLY B 50 -10.28 -0.14 11.45
CA GLY B 50 -11.29 0.46 12.30
C GLY B 50 -12.38 1.19 11.55
N ASP B 51 -13.56 1.23 12.17
CA ASP B 51 -14.70 1.95 11.62
C ASP B 51 -15.14 2.83 12.78
N ASP B 52 -16.32 3.43 12.72
CA ASP B 52 -16.73 4.31 13.80
C ASP B 52 -17.02 3.65 15.16
N SER B 53 -17.22 2.35 15.16
CA SER B 53 -17.53 1.66 16.41
C SER B 53 -16.56 0.59 16.89
N ARG B 54 -15.53 0.28 16.11
CA ARG B 54 -14.60 -0.75 16.55
C ARG B 54 -13.25 -0.68 15.83
N SER B 55 -12.24 -1.28 16.45
CA SER B 55 -10.91 -1.33 15.87
C SER B 55 -10.34 -2.72 16.07
N GLU B 56 -9.41 -3.10 15.20
CA GLU B 56 -8.83 -4.43 15.27
C GLU B 56 -7.41 -4.40 14.78
N GLY B 57 -6.51 -4.88 15.62
CA GLY B 57 -5.10 -4.90 15.26
C GLY B 57 -4.67 -6.24 14.67
N ALA B 58 -3.54 -6.23 13.98
CA ALA B 58 -3.01 -7.44 13.38
C ALA B 58 -2.52 -8.31 14.54
N ASP B 59 -2.37 -9.60 14.28
CA ASP B 59 -1.92 -10.55 15.28
C ASP B 59 -0.71 -10.09 16.09
N PHE B 60 0.27 -9.50 15.38
CA PHE B 60 1.51 -9.04 16.01
C PHE B 60 1.46 -7.74 16.85
N THR B 61 0.35 -7.03 16.83
CA THR B 61 0.23 -5.76 17.56
C THR B 61 -0.23 -5.84 19.01
N GLN B 62 -0.63 -7.02 19.45
CA GLN B 62 -1.11 -7.21 20.82
C GLN B 62 -0.38 -6.48 21.94
N GLY B 63 -1.05 -5.46 22.47
CA GLY B 63 -0.51 -4.69 23.58
C GLY B 63 0.43 -3.52 23.34
N ARG B 64 0.97 -3.41 22.14
CA ARG B 64 1.90 -2.32 21.86
C ARG B 64 1.37 -1.27 20.90
N PHE B 65 0.35 -1.63 20.11
CA PHE B 65 -0.25 -0.71 19.15
C PHE B 65 -1.72 -0.45 19.50
N SER B 66 -2.15 0.77 19.27
CA SER B 66 -3.53 1.14 19.49
C SER B 66 -3.81 2.37 18.65
N VAL B 67 -5.06 2.54 18.25
CA VAL B 67 -5.45 3.68 17.45
C VAL B 67 -6.39 4.59 18.24
N LYS B 68 -6.30 5.87 17.97
CA LYS B 68 -7.15 6.86 18.61
C LYS B 68 -8.05 7.43 17.52
N HIS B 69 -9.20 6.79 17.36
CA HIS B 69 -10.18 7.21 16.36
C HIS B 69 -11.15 8.20 17.00
N ILE B 70 -10.86 9.48 16.82
CA ILE B 70 -11.67 10.56 17.39
C ILE B 70 -12.63 11.09 16.30
N LEU B 71 -13.89 10.67 16.38
CA LEU B 71 -14.90 11.06 15.40
C LEU B 71 -15.04 12.56 15.16
N THR B 72 -15.19 13.34 16.22
CA THR B 72 -15.36 14.79 16.09
C THR B 72 -14.17 15.46 15.42
N GLN B 73 -13.04 14.76 15.36
CA GLN B 73 -11.85 15.33 14.73
C GLN B 73 -11.52 14.63 13.42
N LYS B 74 -12.25 13.54 13.11
CA LYS B 74 -12.00 12.74 11.90
C LYS B 74 -10.54 12.28 11.93
N ALA B 75 -10.10 11.88 13.13
CA ALA B 75 -8.73 11.42 13.34
C ALA B 75 -8.65 9.91 13.53
N PHE B 76 -7.54 9.33 13.09
CA PHE B 76 -7.30 7.89 13.22
C PHE B 76 -5.82 7.74 13.53
N HIS B 77 -5.40 8.28 14.67
CA HIS B 77 -4.01 8.24 15.08
C HIS B 77 -3.53 6.87 15.52
N LEU B 78 -2.27 6.56 15.21
CA LEU B 78 -1.66 5.28 15.60
C LEU B 78 -0.65 5.55 16.73
N VAL B 79 -0.76 4.79 17.80
CA VAL B 79 0.14 4.93 18.93
C VAL B 79 0.89 3.61 19.13
N ILE B 80 2.22 3.69 19.19
CA ILE B 80 3.05 2.49 19.40
C ILE B 80 3.79 2.72 20.72
N SER B 81 3.56 1.83 21.68
CA SER B 81 4.19 1.96 22.99
C SER B 81 4.38 0.62 23.70
N PRO B 82 5.64 0.15 23.81
CA PRO B 82 6.85 0.82 23.31
C PRO B 82 7.17 0.34 21.89
N VAL B 83 7.98 1.10 21.17
CA VAL B 83 8.37 0.75 19.80
C VAL B 83 9.62 -0.13 19.87
N ARG B 84 9.79 -1.00 18.87
CA ARG B 84 10.94 -1.91 18.80
C ARG B 84 11.64 -1.67 17.46
N THR B 85 12.84 -2.21 17.30
CA THR B 85 13.61 -2.05 16.06
C THR B 85 12.82 -2.54 14.85
N GLU B 86 12.11 -3.65 15.02
CA GLU B 86 11.32 -4.23 13.93
C GLU B 86 10.15 -3.36 13.48
N ASP B 87 9.94 -2.24 14.17
CA ASP B 87 8.86 -1.33 13.81
C ASP B 87 9.31 -0.25 12.83
N SER B 88 10.60 -0.27 12.50
CA SER B 88 11.13 0.69 11.55
C SER B 88 10.44 0.49 10.21
N ALA B 89 9.74 1.52 9.74
CA ALA B 89 9.05 1.45 8.49
C ALA B 89 8.39 2.76 8.20
N THR B 90 7.68 2.83 7.07
CA THR B 90 6.94 4.02 6.69
C THR B 90 5.46 3.61 6.82
N TYR B 91 4.76 4.34 7.68
CA TYR B 91 3.38 4.07 7.97
C TYR B 91 2.42 4.88 7.12
N TYR B 92 1.46 4.18 6.52
CA TYR B 92 0.45 4.77 5.65
C TYR B 92 -0.93 4.58 6.23
N CYS B 93 -1.64 5.70 6.38
CA CYS B 93 -2.99 5.67 6.86
C CYS B 93 -3.84 5.64 5.59
N ALA B 94 -4.99 4.97 5.63
CA ALA B 94 -5.83 4.88 4.44
C ALA B 94 -7.26 4.51 4.76
N PHE B 95 -8.14 4.73 3.77
CA PHE B 95 -9.54 4.36 3.86
C PHE B 95 -10.01 3.87 2.49
N THR B 96 -11.02 3.01 2.49
CA THR B 96 -11.56 2.47 1.25
C THR B 96 -12.83 3.18 0.83
N LEU B 97 -13.08 3.16 -0.48
CA LEU B 97 -14.27 3.74 -1.05
C LEU B 97 -15.35 2.67 -0.91
N PRO B 98 -16.62 3.06 -0.91
CA PRO B 98 -17.71 2.08 -0.76
C PRO B 98 -17.74 1.05 -1.91
N PRO B 99 -18.32 -0.14 -1.66
CA PRO B 99 -18.41 -1.17 -2.70
C PRO B 99 -19.35 -0.70 -3.80
N PRO B 100 -19.30 -1.33 -4.99
CA PRO B 100 -18.42 -2.42 -5.41
C PRO B 100 -16.95 -2.02 -5.59
N THR B 101 -16.70 -0.72 -5.70
CA THR B 101 -15.33 -0.19 -5.88
C THR B 101 -14.38 -0.59 -4.76
N ASP B 102 -14.69 -0.16 -3.55
CA ASP B 102 -13.88 -0.44 -2.35
C ASP B 102 -12.37 -0.35 -2.53
N LYS B 103 -11.93 0.55 -3.42
CA LYS B 103 -10.50 0.75 -3.63
C LYS B 103 -9.94 1.70 -2.58
N LEU B 104 -8.65 1.63 -2.35
CA LEU B 104 -7.97 2.44 -1.34
C LEU B 104 -7.48 3.82 -1.73
N ILE B 105 -7.61 4.74 -0.78
CA ILE B 105 -7.12 6.12 -0.89
C ILE B 105 -6.05 6.17 0.21
N PHE B 106 -4.81 6.44 -0.18
CA PHE B 106 -3.68 6.47 0.76
C PHE B 106 -3.18 7.86 1.15
N GLY B 107 -2.61 7.93 2.34
CA GLY B 107 -2.03 9.17 2.81
C GLY B 107 -0.62 9.13 2.24
N LYS B 108 0.15 10.19 2.46
CA LYS B 108 1.51 10.26 1.92
C LYS B 108 2.58 9.46 2.67
N GLY B 109 2.26 8.99 3.88
CA GLY B 109 3.21 8.20 4.64
C GLY B 109 4.04 8.97 5.65
N THR B 110 4.44 8.27 6.70
CA THR B 110 5.26 8.86 7.76
C THR B 110 6.31 7.83 8.13
N ARG B 111 7.58 8.19 7.95
CA ARG B 111 8.66 7.29 8.28
C ARG B 111 9.03 7.33 9.75
N VAL B 112 9.19 6.14 10.32
CA VAL B 112 9.62 6.00 11.70
C VAL B 112 10.87 5.14 11.68
N THR B 113 11.99 5.73 12.07
CA THR B 113 13.25 5.01 12.14
C THR B 113 13.54 4.74 13.61
N VAL B 114 13.67 3.47 13.95
CA VAL B 114 13.92 3.06 15.32
C VAL B 114 15.36 2.61 15.48
N GLU B 115 16.12 3.38 16.24
CA GLU B 115 17.52 3.09 16.50
C GLU B 115 17.64 1.94 17.50
N PRO B 116 18.43 0.92 17.17
CA PRO B 116 18.61 -0.23 18.07
C PRO B 116 19.39 0.19 19.34
#